data_4FFR
#
_entry.id   4FFR
#
_cell.length_a   61.830
_cell.length_b   61.830
_cell.length_c   171.950
_cell.angle_alpha   90.00
_cell.angle_beta   90.00
_cell.angle_gamma   90.00
#
_symmetry.space_group_name_H-M   'P 43 21 2'
#
loop_
_entity.id
_entity.type
_entity.pdbx_description
1 polymer PylC
2 non-polymer "ADENOSINE-5'-TRIPHOSPHATE"
3 non-polymer 'MAGNESIUM ION'
4 water water
#
_entity_poly.entity_id   1
_entity_poly.type   'polypeptide(L)'
_entity_poly.pdbx_seq_one_letter_code
;(MSE)KTICLVGGKLQGFEAAYLSKKAG(MSE)KVVLVDKNPQALIRNYADEFYCFDVIKEPEKLLELSKRVDAVLPVNE
NLACIEFLNSIKEKFSCPVLFDFEAYRISRDKKKSKDYFKSIGVPTPQDRPSKPPYFVKPPCESSSVGARIIYDDKDLEG
LEPDTLVEEYVEGEVVSLEVVGDGSHFAVVKETLVHIDETYDCH(MSE)VTPLPANPLFRQISHDLAANLPLKGI(MSE)
DVEAIFGPKGLRVIEIDARFPSQTPTVVYYSSGINLIELLFRAFTDGVEEIRAIPENKYCIYEHL(MSE)FGENGVLIPV
GEQVLS(MSE)GSDYGKFYEEPGIEIFLCKGEYPVFT(MSE)VFWGKDREETGAKRCKGLSVLKERFGAVL
;
_entity_poly.pdbx_strand_id   A
#
# COMPACT_ATOMS: atom_id res chain seq x y z
N LYS A 2 -17.08 -4.38 -15.18
CA LYS A 2 -17.12 -3.24 -14.27
C LYS A 2 -16.07 -2.20 -14.65
N THR A 3 -16.33 -0.95 -14.29
CA THR A 3 -15.37 0.13 -14.50
C THR A 3 -15.07 0.79 -13.15
N ILE A 4 -13.78 0.95 -12.84
CA ILE A 4 -13.35 1.62 -11.63
C ILE A 4 -12.74 2.98 -11.96
N CYS A 5 -13.07 4.00 -11.18
CA CYS A 5 -12.44 5.31 -11.31
C CYS A 5 -11.45 5.52 -10.18
N LEU A 6 -10.19 5.74 -10.55
CA LEU A 6 -9.12 5.99 -9.58
C LEU A 6 -8.82 7.48 -9.52
N VAL A 7 -8.81 8.03 -8.31
CA VAL A 7 -8.35 9.41 -8.12
C VAL A 7 -6.92 9.37 -7.56
N GLY A 8 -5.95 9.56 -8.45
CA GLY A 8 -4.54 9.45 -8.09
C GLY A 8 -3.84 8.44 -8.98
N GLY A 9 -2.82 8.89 -9.70
CA GLY A 9 -2.13 8.05 -10.67
C GLY A 9 -0.64 7.84 -10.42
N LYS A 10 -0.27 7.72 -9.15
CA LYS A 10 1.11 7.33 -8.82
C LYS A 10 1.13 5.87 -8.34
N LEU A 11 1.85 5.56 -7.26
CA LEU A 11 2.08 4.16 -6.89
C LEU A 11 0.84 3.41 -6.33
N GLN A 12 0.04 4.10 -5.53
CA GLN A 12 -1.24 3.54 -5.08
C GLN A 12 -2.13 3.25 -6.28
N GLY A 13 -2.19 4.22 -7.19
CA GLY A 13 -2.99 4.11 -8.40
C GLY A 13 -2.54 2.96 -9.26
N PHE A 14 -1.22 2.78 -9.39
CA PHE A 14 -0.70 1.65 -10.17
C PHE A 14 -1.17 0.33 -9.60
N GLU A 15 -1.04 0.17 -8.28
CA GLU A 15 -1.43 -1.07 -7.62
C GLU A 15 -2.89 -1.38 -7.84
N ALA A 16 -3.73 -0.36 -7.65
CA ALA A 16 -5.17 -0.49 -7.87
C ALA A 16 -5.49 -0.79 -9.33
N ALA A 17 -4.80 -0.12 -10.25
CA ALA A 17 -5.01 -0.33 -11.70
C ALA A 17 -4.62 -1.76 -12.09
N TYR A 18 -3.45 -2.18 -11.62
CA TYR A 18 -2.92 -3.52 -11.83
C TYR A 18 -3.92 -4.60 -11.41
N LEU A 19 -4.40 -4.53 -10.18
CA LEU A 19 -5.36 -5.52 -9.68
C LEU A 19 -6.75 -5.41 -10.32
N SER A 20 -7.16 -4.19 -10.68
CA SER A 20 -8.42 -4.02 -11.40
C SER A 20 -8.37 -4.74 -12.73
N LYS A 21 -7.24 -4.61 -13.42
CA LYS A 21 -7.01 -5.31 -14.68
C LYS A 21 -7.04 -6.84 -14.52
N LYS A 22 -6.40 -7.33 -13.47
CA LYS A 22 -6.45 -8.76 -13.15
C LYS A 22 -7.88 -9.22 -12.94
N ALA A 23 -8.72 -8.32 -12.43
CA ALA A 23 -10.12 -8.61 -12.16
C ALA A 23 -11.01 -8.40 -13.40
N GLY A 24 -10.40 -8.04 -14.52
CA GLY A 24 -11.12 -7.80 -15.76
C GLY A 24 -11.94 -6.53 -15.79
N LYS A 26 -12.38 -2.31 -16.32
CA LYS A 26 -11.87 -1.12 -17.01
C LYS A 26 -11.40 -0.10 -15.98
N VAL A 27 -10.27 0.54 -16.26
CA VAL A 27 -9.64 1.48 -15.34
C VAL A 27 -9.69 2.91 -15.90
N VAL A 28 -10.40 3.77 -15.18
CA VAL A 28 -10.45 5.19 -15.51
C VAL A 28 -9.61 5.95 -14.48
N LEU A 29 -8.61 6.70 -14.96
CA LEU A 29 -7.79 7.51 -14.06
C LEU A 29 -8.17 8.98 -14.09
N VAL A 30 -8.27 9.57 -12.90
CA VAL A 30 -8.35 11.01 -12.74
C VAL A 30 -7.08 11.46 -11.99
N ASP A 31 -6.40 12.45 -12.55
CA ASP A 31 -5.21 13.02 -11.90
C ASP A 31 -4.99 14.44 -12.42
N LYS A 32 -4.59 15.33 -11.52
CA LYS A 32 -4.38 16.76 -11.86
C LYS A 32 -3.08 16.98 -12.66
N ASN A 33 -2.19 15.99 -12.63
CA ASN A 33 -0.91 16.05 -13.32
C ASN A 33 -1.06 15.54 -14.75
N PRO A 34 -0.84 16.40 -15.76
CA PRO A 34 -0.97 15.97 -17.16
C PRO A 34 -0.03 14.84 -17.52
N GLN A 35 1.07 14.71 -16.79
CA GLN A 35 1.96 13.57 -16.99
C GLN A 35 2.07 12.70 -15.74
N ALA A 36 0.90 12.41 -15.17
CA ALA A 36 0.75 11.49 -14.06
C ALA A 36 1.37 10.14 -14.43
N LEU A 37 2.01 9.52 -13.45
CA LEU A 37 2.84 8.33 -13.66
C LEU A 37 2.20 7.21 -14.48
N ILE A 38 0.95 6.88 -14.18
CA ILE A 38 0.28 5.73 -14.79
C ILE A 38 -0.75 6.10 -15.87
N ARG A 39 -0.62 7.32 -16.39
CA ARG A 39 -1.59 7.83 -17.37
C ARG A 39 -1.80 6.91 -18.58
N ASN A 40 -0.72 6.27 -19.05
CA ASN A 40 -0.77 5.38 -20.21
C ASN A 40 -1.18 3.95 -19.85
N TYR A 41 -1.06 3.62 -18.56
CA TYR A 41 -1.44 2.30 -18.06
C TYR A 41 -2.95 2.18 -17.90
N ALA A 42 -3.60 3.27 -17.49
CA ALA A 42 -5.05 3.33 -17.40
C ALA A 42 -5.70 3.22 -18.78
N ASP A 43 -6.95 2.79 -18.81
CA ASP A 43 -7.70 2.67 -20.06
C ASP A 43 -8.21 4.02 -20.53
N GLU A 44 -8.56 4.88 -19.58
CA GLU A 44 -8.93 6.26 -19.85
C GLU A 44 -8.25 7.17 -18.84
N PHE A 45 -7.85 8.36 -19.30
CA PHE A 45 -7.22 9.35 -18.44
C PHE A 45 -7.91 10.70 -18.58
N TYR A 46 -8.39 11.23 -17.46
CA TYR A 46 -8.98 12.56 -17.42
C TYR A 46 -8.14 13.43 -16.52
N CYS A 47 -7.54 14.47 -17.09
CA CYS A 47 -6.67 15.36 -16.34
C CYS A 47 -7.43 16.57 -15.81
N PHE A 48 -7.72 16.53 -14.51
CA PHE A 48 -8.29 17.66 -13.79
C PHE A 48 -8.07 17.51 -12.30
N ASP A 49 -8.23 18.62 -11.58
CA ASP A 49 -8.14 18.61 -10.13
C ASP A 49 -9.57 18.49 -9.59
N VAL A 50 -9.81 17.44 -8.82
CA VAL A 50 -11.16 17.13 -8.34
C VAL A 50 -11.71 18.19 -7.37
N ILE A 51 -10.79 18.89 -6.68
CA ILE A 51 -11.16 19.97 -5.77
C ILE A 51 -11.63 21.20 -6.57
N LYS A 52 -10.95 21.46 -7.69
CA LYS A 52 -11.26 22.62 -8.53
C LYS A 52 -12.49 22.37 -9.40
N GLU A 53 -12.64 21.14 -9.87
CA GLU A 53 -13.72 20.80 -10.80
C GLU A 53 -14.50 19.56 -10.35
N PRO A 54 -15.16 19.64 -9.18
CA PRO A 54 -15.87 18.48 -8.63
C PRO A 54 -16.97 17.93 -9.52
N GLU A 55 -17.66 18.79 -10.28
CA GLU A 55 -18.73 18.31 -11.17
C GLU A 55 -18.25 17.29 -12.21
N LYS A 56 -17.00 17.43 -12.66
CA LYS A 56 -16.42 16.46 -13.59
C LYS A 56 -16.33 15.08 -12.97
N LEU A 57 -15.89 15.02 -11.71
CA LEU A 57 -15.81 13.73 -11.01
C LEU A 57 -17.20 13.18 -10.71
N LEU A 58 -18.12 14.05 -10.28
CA LEU A 58 -19.49 13.61 -9.98
C LEU A 58 -20.18 13.05 -11.23
N GLU A 59 -19.92 13.66 -12.39
CA GLU A 59 -20.44 13.16 -13.66
C GLU A 59 -19.85 11.81 -14.01
N LEU A 60 -18.54 11.67 -13.80
CA LEU A 60 -17.87 10.38 -13.99
C LEU A 60 -18.47 9.27 -13.12
N SER A 61 -18.87 9.62 -11.91
CA SER A 61 -19.45 8.66 -10.97
C SER A 61 -20.76 8.06 -11.47
N LYS A 62 -21.39 8.73 -12.45
CA LYS A 62 -22.60 8.22 -13.09
C LYS A 62 -22.29 7.15 -14.14
N ARG A 63 -21.02 7.08 -14.57
CA ARG A 63 -20.61 6.20 -15.66
C ARG A 63 -19.70 5.06 -15.21
N VAL A 64 -19.36 5.02 -13.93
CA VAL A 64 -18.47 3.99 -13.39
C VAL A 64 -19.11 3.28 -12.21
N ASP A 65 -18.55 2.14 -11.83
CA ASP A 65 -19.13 1.31 -10.77
C ASP A 65 -18.64 1.64 -9.37
N ALA A 66 -17.50 2.31 -9.28
CA ALA A 66 -16.94 2.72 -7.99
C ALA A 66 -15.86 3.78 -8.20
N VAL A 67 -15.72 4.65 -7.21
CA VAL A 67 -14.62 5.62 -7.18
C VAL A 67 -13.69 5.26 -6.03
N LEU A 68 -12.41 5.10 -6.35
CA LEU A 68 -11.40 4.75 -5.37
C LEU A 68 -10.38 5.88 -5.23
N PRO A 69 -10.37 6.58 -4.08
CA PRO A 69 -9.28 7.52 -3.86
C PRO A 69 -7.97 6.76 -3.68
N VAL A 70 -6.95 7.12 -4.46
CA VAL A 70 -5.63 6.50 -4.34
C VAL A 70 -4.59 7.61 -4.33
N ASN A 71 -4.69 8.47 -3.33
CA ASN A 71 -3.71 9.51 -3.06
C ASN A 71 -3.72 9.83 -1.58
N GLU A 72 -2.68 10.51 -1.11
CA GLU A 72 -2.63 10.91 0.28
C GLU A 72 -2.54 12.43 0.43
N ASN A 73 -3.15 13.11 -0.54
CA ASN A 73 -3.33 14.55 -0.45
C ASN A 73 -4.50 14.84 0.49
N LEU A 74 -4.19 15.29 1.71
CA LEU A 74 -5.23 15.50 2.73
C LEU A 74 -6.31 16.47 2.25
N ALA A 75 -5.91 17.52 1.53
CA ALA A 75 -6.87 18.45 0.93
C ALA A 75 -7.87 17.72 0.03
N CYS A 76 -7.37 16.81 -0.81
CA CYS A 76 -8.22 16.01 -1.69
C CYS A 76 -9.15 15.09 -0.90
N ILE A 77 -8.58 14.33 0.03
CA ILE A 77 -9.34 13.38 0.85
C ILE A 77 -10.43 14.09 1.64
N GLU A 78 -10.06 15.19 2.30
CA GLU A 78 -11.03 15.96 3.07
C GLU A 78 -12.12 16.57 2.20
N PHE A 79 -11.75 17.02 1.00
CA PHE A 79 -12.73 17.54 0.06
C PHE A 79 -13.71 16.46 -0.41
N LEU A 80 -13.18 15.29 -0.77
CA LEU A 80 -14.04 14.17 -1.21
C LEU A 80 -15.03 13.77 -0.12
N ASN A 81 -14.56 13.77 1.13
CA ASN A 81 -15.42 13.50 2.28
C ASN A 81 -16.60 14.45 2.33
N SER A 82 -16.33 15.73 2.04
CA SER A 82 -17.36 16.77 2.10
C SER A 82 -18.44 16.63 1.02
N ILE A 83 -18.13 15.93 -0.07
CA ILE A 83 -19.07 15.76 -1.18
C ILE A 83 -19.48 14.31 -1.48
N LYS A 84 -19.11 13.38 -0.60
CA LYS A 84 -19.29 11.96 -0.87
C LYS A 84 -20.75 11.52 -1.06
N GLU A 85 -21.68 12.23 -0.41
CA GLU A 85 -23.10 11.93 -0.53
C GLU A 85 -23.67 12.26 -1.92
N LYS A 86 -22.91 13.03 -2.70
CA LYS A 86 -23.35 13.45 -4.04
C LYS A 86 -22.98 12.46 -5.14
N PHE A 87 -22.15 11.46 -4.81
CA PHE A 87 -21.69 10.47 -5.79
C PHE A 87 -22.80 9.52 -6.23
N SER A 88 -22.79 9.14 -7.50
CA SER A 88 -23.77 8.20 -8.04
C SER A 88 -23.27 6.75 -8.03
N CYS A 89 -22.12 6.54 -7.40
CA CYS A 89 -21.58 5.21 -7.19
C CYS A 89 -20.88 5.18 -5.83
N PRO A 90 -20.56 3.97 -5.31
CA PRO A 90 -19.87 3.94 -4.00
C PRO A 90 -18.48 4.55 -4.06
N VAL A 91 -18.09 5.23 -3.00
CA VAL A 91 -16.72 5.70 -2.83
C VAL A 91 -16.02 4.71 -1.90
N LEU A 92 -15.06 3.96 -2.45
CA LEU A 92 -14.41 2.87 -1.71
C LEU A 92 -13.35 3.39 -0.75
N PHE A 93 -13.80 3.96 0.37
CA PHE A 93 -12.92 4.63 1.31
C PHE A 93 -13.60 4.75 2.67
N ASP A 94 -12.81 4.69 3.73
CA ASP A 94 -13.29 4.87 5.09
C ASP A 94 -12.63 6.13 5.64
N PHE A 95 -13.38 7.22 5.65
CA PHE A 95 -12.81 8.53 5.99
C PHE A 95 -12.43 8.66 7.46
N GLU A 96 -13.22 8.05 8.35
CA GLU A 96 -12.93 8.04 9.78
C GLU A 96 -11.65 7.25 10.09
N ALA A 97 -11.49 6.09 9.44
CA ALA A 97 -10.32 5.23 9.66
C ALA A 97 -9.05 5.93 9.19
N TYR A 98 -9.17 6.64 8.06
CA TYR A 98 -8.05 7.39 7.51
C TYR A 98 -7.63 8.56 8.40
N ARG A 99 -8.60 9.21 9.04
CA ARG A 99 -8.33 10.29 9.99
C ARG A 99 -7.39 9.82 11.11
N ILE A 100 -7.61 8.60 11.58
CA ILE A 100 -6.79 7.99 12.62
C ILE A 100 -5.46 7.48 12.06
N SER A 101 -5.52 6.74 10.96
CA SER A 101 -4.35 6.02 10.43
C SER A 101 -3.25 6.93 9.89
N ARG A 102 -3.67 8.07 9.34
CA ARG A 102 -2.76 9.05 8.74
C ARG A 102 -1.85 9.69 9.80
N ASP A 103 -2.37 9.84 11.02
CA ASP A 103 -1.64 10.46 12.11
C ASP A 103 -1.06 9.38 13.02
N LYS A 104 0.25 9.19 12.95
CA LYS A 104 0.91 8.11 13.69
C LYS A 104 0.73 8.20 15.21
N LYS A 105 0.61 9.41 15.74
CA LYS A 105 0.37 9.63 17.17
C LYS A 105 -1.04 9.23 17.59
N LYS A 106 -2.02 9.59 16.77
CA LYS A 106 -3.42 9.19 17.01
C LYS A 106 -3.56 7.67 16.90
N SER A 107 -2.89 7.11 15.89
CA SER A 107 -2.85 5.67 15.70
C SER A 107 -2.29 4.96 16.92
N LYS A 108 -1.20 5.50 17.49
CA LYS A 108 -0.60 4.89 18.67
C LYS A 108 -1.52 4.99 19.88
N ASP A 109 -2.25 6.09 20.01
CA ASP A 109 -3.25 6.22 21.07
C ASP A 109 -4.36 5.18 20.88
N TYR A 110 -4.74 4.96 19.64
CA TYR A 110 -5.72 3.93 19.30
C TYR A 110 -5.23 2.53 19.69
N PHE A 111 -3.99 2.18 19.31
CA PHE A 111 -3.38 0.89 19.67
C PHE A 111 -3.43 0.68 21.18
N LYS A 112 -3.01 1.70 21.93
CA LYS A 112 -2.96 1.64 23.39
C LYS A 112 -4.35 1.45 23.99
N SER A 113 -5.35 2.10 23.39
CA SER A 113 -6.73 2.04 23.90
C SER A 113 -7.32 0.62 23.85
N ILE A 114 -6.84 -0.20 22.94
CA ILE A 114 -7.31 -1.59 22.85
C ILE A 114 -6.24 -2.65 23.22
N GLY A 115 -5.17 -2.21 23.88
CA GLY A 115 -4.17 -3.11 24.43
C GLY A 115 -3.22 -3.74 23.42
N VAL A 116 -3.00 -3.07 22.29
CA VAL A 116 -2.10 -3.57 21.26
C VAL A 116 -0.70 -3.01 21.48
N PRO A 117 0.30 -3.91 21.65
CA PRO A 117 1.68 -3.46 21.87
C PRO A 117 2.23 -2.64 20.69
N THR A 118 2.95 -1.59 21.02
CA THR A 118 3.49 -0.65 20.03
C THR A 118 4.79 -0.11 20.62
N PRO A 119 5.73 0.37 19.77
CA PRO A 119 7.01 0.79 20.34
C PRO A 119 6.89 1.88 21.42
N GLN A 120 7.72 1.76 22.45
CA GLN A 120 7.81 2.74 23.53
C GLN A 120 8.12 4.13 22.98
N ASP A 121 7.38 5.13 23.45
CA ASP A 121 7.66 6.52 23.08
C ASP A 121 8.79 7.09 23.92
N ARG A 122 9.55 8.03 23.33
CA ARG A 122 10.66 8.71 24.00
C ARG A 122 11.51 7.82 24.94
N PRO A 123 12.30 6.89 24.36
CA PRO A 123 13.20 6.08 25.18
C PRO A 123 14.41 6.91 25.66
N SER A 124 15.08 6.43 26.70
CA SER A 124 16.20 7.17 27.30
C SER A 124 17.58 6.72 26.79
N LYS A 125 17.61 5.61 26.07
CA LYS A 125 18.86 5.07 25.55
C LYS A 125 18.80 4.91 24.02
N PRO A 126 19.91 5.26 23.31
CA PRO A 126 20.01 5.03 21.88
C PRO A 126 20.08 3.53 21.53
N PRO A 127 19.73 3.17 20.27
CA PRO A 127 19.32 4.07 19.20
C PRO A 127 17.84 4.43 19.25
N TYR A 128 17.52 5.62 18.76
CA TYR A 128 16.14 6.07 18.64
C TYR A 128 15.71 5.97 17.18
N PHE A 129 14.48 5.56 16.94
CA PHE A 129 13.94 5.70 15.60
C PHE A 129 13.04 6.93 15.57
N VAL A 130 13.27 7.78 14.57
CA VAL A 130 12.50 9.02 14.44
C VAL A 130 11.85 9.11 13.08
N LYS A 131 10.64 9.65 13.06
CA LYS A 131 9.86 9.79 11.84
C LYS A 131 8.81 10.89 11.99
N PRO A 132 8.39 11.50 10.87
CA PRO A 132 7.29 12.48 10.89
C PRO A 132 5.98 11.80 11.29
N PRO A 133 4.99 12.59 11.76
CA PRO A 133 3.75 11.96 12.18
C PRO A 133 2.79 11.58 11.05
N CYS A 134 2.96 12.17 9.86
CA CYS A 134 1.94 12.03 8.80
C CYS A 134 2.45 11.70 7.38
N GLU A 135 3.71 11.27 7.26
CA GLU A 135 4.26 10.92 5.96
C GLU A 135 4.00 9.46 5.60
N SER A 136 4.47 9.04 4.42
CA SER A 136 4.43 7.63 4.02
C SER A 136 5.70 7.29 3.24
N SER A 137 5.82 6.03 2.81
CA SER A 137 6.97 5.55 2.04
C SER A 137 8.32 5.75 2.76
N SER A 138 8.25 5.86 4.09
CA SER A 138 9.43 6.06 4.95
C SER A 138 10.10 7.42 4.77
N VAL A 139 9.39 8.38 4.18
CA VAL A 139 9.91 9.74 4.05
C VAL A 139 10.19 10.31 5.44
N GLY A 140 11.42 10.75 5.66
CA GLY A 140 11.83 11.34 6.94
C GLY A 140 12.10 10.34 8.05
N ALA A 141 11.91 9.05 7.77
CA ALA A 141 12.21 7.99 8.74
C ALA A 141 13.70 7.73 8.79
N ARG A 142 14.27 7.81 9.98
CA ARG A 142 15.71 7.63 10.17
C ARG A 142 16.06 7.12 11.56
N ILE A 143 17.21 6.45 11.65
CA ILE A 143 17.75 6.03 12.94
C ILE A 143 18.68 7.11 13.47
N ILE A 144 18.64 7.34 14.78
CA ILE A 144 19.52 8.30 15.44
C ILE A 144 20.25 7.62 16.58
N TYR A 145 21.58 7.73 16.57
CA TYR A 145 22.44 6.93 17.48
C TYR A 145 22.90 7.63 18.76
N ASP A 146 22.54 8.90 18.94
CA ASP A 146 22.86 9.61 20.18
C ASP A 146 21.86 10.73 20.48
N ASP A 147 21.62 10.96 21.78
CA ASP A 147 20.67 11.97 22.25
C ASP A 147 21.16 13.41 22.04
N LYS A 148 21.75 13.66 20.87
CA LYS A 148 22.16 15.00 20.46
C LYS A 148 21.00 15.74 19.81
N ASP A 149 19.82 15.10 19.79
CA ASP A 149 18.62 15.66 19.17
C ASP A 149 17.50 15.86 20.20
N GLU A 154 13.66 19.48 15.65
CA GLU A 154 12.57 18.77 14.98
C GLU A 154 11.21 19.02 15.65
N PRO A 155 10.17 19.26 14.84
CA PRO A 155 8.84 19.71 15.29
C PRO A 155 8.01 18.66 16.08
N ASP A 156 6.95 18.14 15.46
CA ASP A 156 6.02 17.20 16.09
C ASP A 156 6.43 15.75 15.81
N THR A 157 7.73 15.52 15.70
CA THR A 157 8.27 14.24 15.24
C THR A 157 8.13 13.12 16.28
N LEU A 158 7.88 11.91 15.78
CA LEU A 158 7.84 10.72 16.61
C LEU A 158 9.24 10.29 16.98
N VAL A 159 9.45 10.03 18.27
CA VAL A 159 10.70 9.44 18.73
C VAL A 159 10.36 8.14 19.45
N GLU A 160 10.86 7.04 18.92
CA GLU A 160 10.54 5.71 19.43
C GLU A 160 11.78 4.90 19.74
N GLU A 161 11.61 3.86 20.55
CA GLU A 161 12.63 2.82 20.66
C GLU A 161 12.79 2.18 19.29
N TYR A 162 14.02 1.84 18.94
CA TYR A 162 14.29 1.14 17.68
C TYR A 162 14.03 -0.33 17.89
N VAL A 163 13.04 -0.86 17.19
CA VAL A 163 12.68 -2.26 17.29
C VAL A 163 13.29 -3.04 16.12
N GLU A 164 14.29 -3.85 16.40
CA GLU A 164 14.90 -4.69 15.37
C GLU A 164 14.02 -5.90 15.08
N GLY A 165 14.03 -6.36 13.83
CA GLY A 165 13.25 -7.53 13.45
C GLY A 165 12.54 -7.37 12.11
N GLU A 166 11.86 -8.44 11.70
CA GLU A 166 11.12 -8.45 10.44
C GLU A 166 9.94 -7.49 10.47
N VAL A 167 9.82 -6.69 9.39
CA VAL A 167 8.67 -5.82 9.21
C VAL A 167 7.61 -6.58 8.42
N VAL A 168 6.44 -6.74 9.02
CA VAL A 168 5.41 -7.62 8.48
C VAL A 168 4.12 -6.82 8.22
N SER A 169 3.57 -7.01 7.03
CA SER A 169 2.37 -6.31 6.63
C SER A 169 1.19 -7.26 6.52
N LEU A 170 0.02 -6.79 6.94
CA LEU A 170 -1.21 -7.55 6.78
C LEU A 170 -2.34 -6.60 6.38
N GLU A 171 -3.08 -6.97 5.33
CA GLU A 171 -4.24 -6.18 4.90
C GLU A 171 -5.52 -6.75 5.49
N VAL A 172 -6.43 -5.84 5.83
CA VAL A 172 -7.77 -6.22 6.29
C VAL A 172 -8.78 -5.45 5.44
N VAL A 173 -9.78 -6.14 4.93
CA VAL A 173 -10.91 -5.49 4.28
C VAL A 173 -12.15 -5.69 5.15
N GLY A 174 -12.73 -4.58 5.60
CA GLY A 174 -13.95 -4.62 6.39
C GLY A 174 -15.16 -4.12 5.61
N ASP A 175 -16.33 -4.66 5.94
CA ASP A 175 -17.58 -4.18 5.35
C ASP A 175 -18.44 -3.46 6.40
N GLY A 176 -17.83 -3.17 7.54
CA GLY A 176 -18.53 -2.59 8.68
C GLY A 176 -18.88 -3.61 9.74
N SER A 177 -19.13 -4.85 9.33
CA SER A 177 -19.57 -5.93 10.23
C SER A 177 -18.61 -7.13 10.23
N HIS A 178 -18.06 -7.45 9.07
CA HIS A 178 -17.14 -8.56 8.91
C HIS A 178 -15.82 -8.04 8.44
N PHE A 179 -14.74 -8.65 8.93
CA PHE A 179 -13.40 -8.15 8.68
C PHE A 179 -12.52 -9.28 8.18
N ALA A 180 -12.19 -9.22 6.90
CA ALA A 180 -11.40 -10.25 6.25
C ALA A 180 -9.92 -9.91 6.35
N VAL A 181 -9.23 -10.65 7.20
CA VAL A 181 -7.78 -10.53 7.36
C VAL A 181 -7.16 -11.43 6.30
N VAL A 182 -6.25 -10.88 5.50
CA VAL A 182 -5.84 -11.55 4.27
C VAL A 182 -4.53 -12.33 4.38
N LYS A 183 -3.41 -11.75 3.95
CA LYS A 183 -2.17 -12.51 3.82
C LYS A 183 -0.95 -11.74 4.32
N GLU A 184 -0.17 -12.39 5.18
CA GLU A 184 1.05 -11.80 5.74
C GLU A 184 2.14 -11.69 4.69
N THR A 185 2.79 -10.53 4.64
CA THR A 185 3.92 -10.31 3.75
C THR A 185 5.11 -9.70 4.50
N LEU A 186 6.30 -10.02 4.02
CA LEU A 186 7.54 -9.48 4.55
C LEU A 186 7.95 -8.25 3.76
N VAL A 187 8.20 -7.16 4.47
CA VAL A 187 8.64 -5.90 3.87
C VAL A 187 10.16 -5.84 3.98
N HIS A 188 10.84 -5.93 2.83
CA HIS A 188 12.31 -5.89 2.79
C HIS A 188 12.76 -4.46 2.69
N ILE A 189 13.51 -4.01 3.69
CA ILE A 189 13.89 -2.60 3.80
C ILE A 189 15.31 -2.35 3.28
N ASP A 190 15.56 -1.14 2.79
CA ASP A 190 16.89 -0.75 2.34
C ASP A 190 17.52 0.21 3.35
N GLU A 191 18.67 0.78 3.00
CA GLU A 191 19.40 1.68 3.90
C GLU A 191 18.64 2.96 4.26
N THR A 192 17.58 3.27 3.50
CA THR A 192 16.75 4.43 3.76
C THR A 192 15.44 4.07 4.48
N TYR A 193 15.31 2.81 4.87
CA TYR A 193 14.07 2.25 5.46
C TYR A 193 12.86 2.23 4.51
N ASP A 194 13.13 2.44 3.22
CA ASP A 194 12.14 2.27 2.15
C ASP A 194 12.06 0.78 1.84
N CYS A 195 10.99 0.37 1.14
CA CYS A 195 10.78 -1.02 0.79
C CYS A 195 11.16 -1.31 -0.66
N HIS A 196 12.11 -2.21 -0.88
CA HIS A 196 12.61 -2.56 -2.22
C HIS A 196 12.14 -3.91 -2.70
N VAL A 198 9.19 -7.39 -1.63
CA VAL A 198 8.14 -8.00 -0.78
C VAL A 198 8.04 -9.49 -1.09
N THR A 199 7.90 -10.29 -0.03
CA THR A 199 7.70 -11.74 -0.16
C THR A 199 6.60 -12.17 0.82
N PRO A 200 5.97 -13.33 0.57
CA PRO A 200 4.91 -13.77 1.48
C PRO A 200 5.42 -14.52 2.70
N LEU A 201 4.61 -14.52 3.75
CA LEU A 201 4.95 -15.19 5.00
C LEU A 201 3.83 -16.14 5.41
N PRO A 202 4.17 -17.20 6.16
CA PRO A 202 3.15 -18.10 6.71
C PRO A 202 2.25 -17.38 7.72
N ALA A 203 1.10 -17.98 8.02
CA ALA A 203 0.12 -17.36 8.92
C ALA A 203 0.68 -17.15 10.33
N ASN A 204 0.38 -16.00 10.90
CA ASN A 204 0.70 -15.72 12.29
C ASN A 204 -0.59 -15.42 13.06
N PRO A 205 -1.10 -16.43 13.81
CA PRO A 205 -2.37 -16.28 14.52
C PRO A 205 -2.48 -15.00 15.35
N LEU A 206 -1.43 -14.62 16.08
CA LEU A 206 -1.48 -13.43 16.92
C LEU A 206 -1.64 -12.15 16.09
N PHE A 207 -0.82 -12.00 15.06
CA PHE A 207 -0.88 -10.83 14.19
C PHE A 207 -2.25 -10.73 13.52
N ARG A 208 -2.80 -11.88 13.12
CA ARG A 208 -4.13 -11.89 12.48
C ARG A 208 -5.23 -11.44 13.45
N GLN A 209 -5.16 -11.93 14.69
CA GLN A 209 -6.13 -11.52 15.72
C GLN A 209 -6.02 -10.04 16.03
N ILE A 210 -4.80 -9.55 16.19
CA ILE A 210 -4.52 -8.14 16.42
C ILE A 210 -5.06 -7.29 15.27
N SER A 211 -4.79 -7.71 14.03
CA SER A 211 -5.24 -6.97 12.84
C SER A 211 -6.75 -6.97 12.75
N HIS A 212 -7.36 -8.12 13.01
CA HIS A 212 -8.83 -8.21 13.08
C HIS A 212 -9.38 -7.23 14.08
N ASP A 213 -8.78 -7.15 15.26
CA ASP A 213 -9.27 -6.30 16.34
C ASP A 213 -9.12 -4.81 16.02
N LEU A 214 -8.03 -4.45 15.34
CA LEU A 214 -7.81 -3.06 14.93
C LEU A 214 -8.89 -2.61 13.94
N ALA A 215 -9.27 -3.50 13.02
CA ALA A 215 -10.33 -3.22 12.07
C ALA A 215 -11.71 -3.20 12.73
N ALA A 216 -11.97 -4.21 13.56
CA ALA A 216 -13.29 -4.41 14.18
C ALA A 216 -13.73 -3.26 15.08
N ASN A 217 -12.78 -2.67 15.80
CA ASN A 217 -13.07 -1.64 16.79
C ASN A 217 -13.36 -0.25 16.21
N LEU A 218 -13.20 -0.09 14.90
CA LEU A 218 -13.46 1.21 14.26
C LEU A 218 -14.95 1.52 14.12
N PRO A 219 -15.74 0.68 13.41
CA PRO A 219 -15.41 -0.51 12.63
C PRO A 219 -15.02 -0.13 11.20
N LEU A 220 -14.09 -0.89 10.62
CA LEU A 220 -13.60 -0.62 9.27
C LEU A 220 -14.63 -1.00 8.20
N LYS A 221 -14.95 -0.04 7.35
CA LYS A 221 -15.65 -0.30 6.09
C LYS A 221 -14.77 0.24 4.97
N GLY A 222 -13.93 -0.63 4.44
CA GLY A 222 -12.87 -0.24 3.52
C GLY A 222 -11.68 -1.14 3.69
N ILE A 223 -10.50 -0.63 3.35
CA ILE A 223 -9.28 -1.43 3.41
C ILE A 223 -8.21 -0.75 4.29
N ASP A 225 -4.04 -1.55 5.88
CA ASP A 225 -2.95 -2.45 6.16
C ASP A 225 -2.43 -2.18 7.56
N VAL A 226 -1.93 -3.24 8.20
CA VAL A 226 -1.37 -3.16 9.52
C VAL A 226 0.09 -3.55 9.37
N GLU A 227 0.98 -2.77 9.96
CA GLU A 227 2.40 -3.09 9.92
C GLU A 227 2.92 -3.32 11.32
N ALA A 228 3.63 -4.43 11.51
CA ALA A 228 4.22 -4.73 12.81
C ALA A 228 5.67 -5.14 12.62
N ILE A 229 6.47 -4.96 13.67
CA ILE A 229 7.81 -5.51 13.68
C ILE A 229 7.85 -6.67 14.67
N PHE A 230 8.31 -7.81 14.18
CA PHE A 230 8.47 -9.01 15.00
C PHE A 230 9.79 -8.87 15.76
N GLY A 231 9.73 -8.14 16.87
CA GLY A 231 10.92 -7.74 17.61
C GLY A 231 11.40 -8.77 18.62
N PRO A 232 12.54 -8.50 19.27
CA PRO A 232 13.15 -9.49 20.17
C PRO A 232 12.31 -9.75 21.43
N LYS A 233 11.38 -8.85 21.73
CA LYS A 233 10.51 -8.99 22.90
C LYS A 233 9.05 -9.15 22.50
N GLY A 234 8.82 -9.54 21.25
CA GLY A 234 7.47 -9.76 20.73
C GLY A 234 7.07 -8.78 19.64
N LEU A 235 5.88 -9.01 19.10
CA LEU A 235 5.30 -8.19 18.04
C LEU A 235 4.99 -6.78 18.54
N ARG A 236 5.39 -5.77 17.76
CA ARG A 236 5.03 -4.38 18.05
C ARG A 236 4.41 -3.75 16.81
N VAL A 237 3.15 -3.34 16.92
CA VAL A 237 2.49 -2.67 15.79
C VAL A 237 3.05 -1.26 15.64
N ILE A 238 3.58 -0.94 14.45
CA ILE A 238 4.20 0.37 14.23
C ILE A 238 3.24 1.36 13.60
N GLU A 239 2.40 0.91 12.69
CA GLU A 239 1.41 1.78 12.07
C GLU A 239 0.27 1.03 11.40
N ILE A 240 -0.78 1.79 11.10
CA ILE A 240 -1.85 1.35 10.23
C ILE A 240 -1.98 2.41 9.14
N ASP A 241 -2.44 2.00 7.97
CA ASP A 241 -2.70 2.96 6.89
C ASP A 241 -4.01 2.52 6.22
N ALA A 242 -5.08 3.29 6.45
CA ALA A 242 -6.41 2.98 5.94
C ALA A 242 -6.61 3.60 4.56
N ARG A 243 -5.93 3.02 3.58
CA ARG A 243 -6.03 3.38 2.16
C ARG A 243 -5.48 2.20 1.38
N PHE A 244 -5.67 2.21 0.06
CA PHE A 244 -5.19 1.10 -0.75
C PHE A 244 -3.65 1.11 -0.84
N PRO A 245 -2.99 0.02 -0.41
CA PRO A 245 -1.54 0.04 -0.37
C PRO A 245 -0.87 -0.28 -1.71
N SER A 246 0.41 0.02 -1.80
CA SER A 246 1.22 -0.35 -2.94
C SER A 246 2.08 -1.55 -2.56
N GLN A 247 2.56 -2.28 -3.57
CA GLN A 247 3.51 -3.41 -3.43
C GLN A 247 2.92 -4.69 -2.87
N THR A 248 2.49 -4.65 -1.61
CA THR A 248 1.99 -5.85 -0.94
C THR A 248 0.80 -6.54 -1.63
N PRO A 249 -0.16 -5.77 -2.19
CA PRO A 249 -1.31 -6.46 -2.80
C PRO A 249 -0.97 -7.35 -3.99
N THR A 250 0.12 -7.06 -4.69
CA THR A 250 0.58 -7.91 -5.80
C THR A 250 1.05 -9.26 -5.26
N VAL A 251 1.85 -9.22 -4.19
CA VAL A 251 2.32 -10.44 -3.51
C VAL A 251 1.14 -11.21 -2.90
N VAL A 252 0.20 -10.49 -2.30
CA VAL A 252 -1.05 -11.11 -1.79
C VAL A 252 -1.78 -11.85 -2.91
N TYR A 253 -1.91 -11.21 -4.07
CA TYR A 253 -2.58 -11.80 -5.23
C TYR A 253 -1.97 -13.15 -5.64
N TYR A 254 -0.65 -13.19 -5.81
CA TYR A 254 0.00 -14.42 -6.27
C TYR A 254 0.14 -15.49 -5.20
N SER A 255 0.41 -15.07 -3.96
CA SER A 255 0.64 -16.03 -2.89
C SER A 255 -0.65 -16.63 -2.33
N SER A 256 -1.75 -15.87 -2.36
CA SER A 256 -2.98 -16.29 -1.71
C SER A 256 -4.16 -16.45 -2.68
N GLY A 257 -4.06 -15.87 -3.86
CA GLY A 257 -5.15 -15.91 -4.85
C GLY A 257 -6.22 -14.85 -4.61
N ILE A 258 -6.05 -14.05 -3.56
CA ILE A 258 -7.02 -13.02 -3.20
C ILE A 258 -6.68 -11.71 -3.92
N ASN A 259 -7.66 -11.18 -4.65
CA ASN A 259 -7.53 -9.89 -5.30
C ASN A 259 -8.16 -8.83 -4.40
N LEU A 260 -7.32 -7.98 -3.82
CA LEU A 260 -7.78 -6.99 -2.84
C LEU A 260 -8.72 -5.93 -3.41
N ILE A 261 -8.61 -5.66 -4.71
CA ILE A 261 -9.55 -4.76 -5.38
C ILE A 261 -10.95 -5.40 -5.46
N GLU A 262 -11.00 -6.68 -5.83
CA GLU A 262 -12.27 -7.42 -5.84
C GLU A 262 -12.87 -7.47 -4.43
N LEU A 263 -12.02 -7.74 -3.43
CA LEU A 263 -12.48 -7.83 -2.04
C LEU A 263 -13.03 -6.49 -1.53
N LEU A 264 -12.31 -5.41 -1.82
CA LEU A 264 -12.76 -4.06 -1.44
C LEU A 264 -14.08 -3.68 -2.11
N PHE A 265 -14.19 -3.98 -3.40
CA PHE A 265 -15.42 -3.72 -4.16
C PHE A 265 -16.59 -4.47 -3.53
N ARG A 266 -16.36 -5.75 -3.19
CA ARG A 266 -17.36 -6.57 -2.51
C ARG A 266 -17.84 -5.98 -1.19
N ALA A 267 -16.91 -5.39 -0.43
CA ALA A 267 -17.22 -4.80 0.88
C ALA A 267 -18.23 -3.66 0.81
N PHE A 268 -18.30 -2.98 -0.33
CA PHE A 268 -19.22 -1.85 -0.50
C PHE A 268 -20.45 -2.23 -1.34
N THR A 269 -20.56 -3.50 -1.71
CA THR A 269 -21.70 -3.98 -2.48
C THR A 269 -22.42 -5.14 -1.77
N ASP A 270 -21.86 -6.34 -1.86
CA ASP A 270 -22.49 -7.53 -1.29
C ASP A 270 -22.02 -7.84 0.13
N GLY A 271 -20.87 -7.29 0.50
CA GLY A 271 -20.27 -7.56 1.79
C GLY A 271 -19.14 -8.57 1.72
N VAL A 272 -18.53 -8.81 2.87
CA VAL A 272 -17.32 -9.60 2.98
C VAL A 272 -17.52 -10.72 4.01
N GLU A 273 -16.79 -11.83 3.82
CA GLU A 273 -16.77 -12.91 4.81
C GLU A 273 -15.36 -13.06 5.38
N GLU A 274 -15.28 -13.43 6.65
CA GLU A 274 -13.99 -13.61 7.32
C GLU A 274 -13.31 -14.90 6.88
N ILE A 275 -11.97 -14.84 6.76
CA ILE A 275 -11.07 -15.94 6.36
C ILE A 275 -10.18 -15.54 5.18
N GLU A 280 -5.09 -20.29 -2.31
CA GLU A 280 -3.77 -20.58 -2.86
C GLU A 280 -2.68 -20.46 -1.80
N ASN A 281 -1.57 -21.16 -2.02
CA ASN A 281 -0.40 -21.05 -1.16
C ASN A 281 0.88 -21.14 -1.99
N LYS A 282 1.06 -20.15 -2.87
CA LYS A 282 2.22 -20.06 -3.75
C LYS A 282 3.28 -19.14 -3.17
N TYR A 283 4.45 -19.14 -3.78
CA TYR A 283 5.49 -18.18 -3.40
C TYR A 283 5.56 -17.06 -4.43
N CYS A 284 6.00 -15.88 -3.98
CA CYS A 284 6.09 -14.73 -4.87
C CYS A 284 7.25 -13.83 -4.44
N ILE A 285 8.04 -13.38 -5.42
CA ILE A 285 9.05 -12.36 -5.17
C ILE A 285 8.70 -11.12 -5.99
N TYR A 286 8.62 -9.98 -5.29
CA TYR A 286 8.31 -8.70 -5.89
C TYR A 286 9.44 -7.75 -5.51
N GLU A 287 10.04 -7.09 -6.49
CA GLU A 287 11.15 -6.17 -6.20
C GLU A 287 11.30 -5.07 -7.25
N HIS A 288 11.98 -3.99 -6.85
CA HIS A 288 12.35 -2.90 -7.75
C HIS A 288 13.83 -2.86 -7.94
N LEU A 289 14.25 -2.75 -9.20
CA LEU A 289 15.66 -2.63 -9.52
C LEU A 289 15.88 -1.49 -10.51
N PHE A 291 18.21 0.42 -13.21
CA PHE A 291 19.24 0.16 -14.21
C PHE A 291 20.15 1.40 -14.19
N GLY A 292 21.27 1.29 -13.49
CA GLY A 292 22.19 2.41 -13.34
C GLY A 292 23.19 2.54 -14.48
N GLU A 293 24.19 3.39 -14.29
CA GLU A 293 25.25 3.60 -15.28
C GLU A 293 26.01 2.32 -15.56
N ASN A 294 26.25 2.04 -16.85
CA ASN A 294 26.91 0.82 -17.31
C ASN A 294 26.12 -0.46 -17.02
N GLY A 295 24.80 -0.31 -16.88
CA GLY A 295 23.90 -1.45 -16.68
C GLY A 295 23.93 -2.10 -15.31
N VAL A 296 24.58 -1.44 -14.35
CA VAL A 296 24.64 -1.95 -12.99
C VAL A 296 23.23 -1.90 -12.37
N LEU A 297 22.72 -3.06 -11.98
CA LEU A 297 21.40 -3.14 -11.37
C LEU A 297 21.50 -2.78 -9.89
N ILE A 298 20.63 -1.88 -9.45
CA ILE A 298 20.64 -1.37 -8.08
C ILE A 298 19.24 -1.49 -7.48
N PRO A 299 19.13 -2.12 -6.30
CA PRO A 299 17.83 -2.14 -5.63
C PRO A 299 17.43 -0.72 -5.21
N VAL A 300 16.18 -0.35 -5.44
CA VAL A 300 15.66 0.93 -4.99
C VAL A 300 14.30 0.75 -4.33
N GLY A 301 13.90 1.72 -3.51
CA GLY A 301 12.58 1.71 -2.88
C GLY A 301 11.57 2.55 -3.64
N GLU A 302 10.37 2.64 -3.07
CA GLU A 302 9.25 3.39 -3.64
C GLU A 302 9.50 4.86 -3.91
N GLN A 303 10.26 5.50 -3.02
CA GLN A 303 10.61 6.92 -3.17
C GLN A 303 11.25 7.18 -4.53
N VAL A 304 12.09 6.25 -4.99
CA VAL A 304 12.76 6.37 -6.29
C VAL A 304 11.77 6.14 -7.44
N LEU A 305 10.98 5.07 -7.33
CA LEU A 305 9.99 4.70 -8.34
C LEU A 305 8.97 5.81 -8.57
N SER A 306 8.58 6.49 -7.49
CA SER A 306 7.59 7.57 -7.56
C SER A 306 8.11 8.85 -8.23
N GLY A 308 9.46 8.65 -11.21
CA GLY A 308 9.44 8.28 -12.63
C GLY A 308 8.51 9.11 -13.50
N SER A 309 8.58 8.90 -14.81
CA SER A 309 7.82 9.71 -15.78
C SER A 309 6.69 8.95 -16.46
N ASP A 310 6.83 7.62 -16.54
CA ASP A 310 5.92 6.77 -17.29
C ASP A 310 6.07 5.34 -16.77
N TYR A 311 4.96 4.70 -16.44
CA TYR A 311 4.96 3.39 -15.78
C TYR A 311 3.97 2.45 -16.48
N GLY A 312 4.47 1.31 -16.94
CA GLY A 312 3.64 0.34 -17.66
C GLY A 312 4.28 -1.02 -17.79
N LYS A 313 3.56 -1.97 -18.37
CA LYS A 313 4.09 -3.32 -18.56
C LYS A 313 5.22 -3.33 -19.59
N PHE A 314 6.28 -4.06 -19.25
CA PHE A 314 7.45 -4.21 -20.11
C PHE A 314 7.53 -5.61 -20.70
N TYR A 315 7.21 -6.61 -19.89
CA TYR A 315 7.37 -8.01 -20.28
C TYR A 315 6.51 -8.95 -19.43
N GLU A 316 6.07 -10.03 -20.05
CA GLU A 316 5.39 -11.12 -19.34
C GLU A 316 5.65 -12.47 -19.99
N GLU A 317 5.91 -13.46 -19.15
CA GLU A 317 5.84 -14.87 -19.54
C GLU A 317 5.27 -15.63 -18.32
N PRO A 318 5.05 -16.96 -18.44
CA PRO A 318 4.55 -17.66 -17.25
C PRO A 318 5.43 -17.46 -16.01
N GLY A 319 4.83 -16.98 -14.94
CA GLY A 319 5.54 -16.78 -13.67
C GLY A 319 6.40 -15.52 -13.58
N ILE A 320 6.37 -14.69 -14.63
CA ILE A 320 7.18 -13.46 -14.68
C ILE A 320 6.38 -12.28 -15.23
N GLU A 321 6.31 -11.20 -14.46
CA GLU A 321 5.83 -9.92 -14.96
C GLU A 321 6.89 -8.86 -14.69
N ILE A 322 7.17 -8.02 -15.68
CA ILE A 322 8.11 -6.91 -15.51
C ILE A 322 7.45 -5.62 -15.96
N PHE A 323 7.49 -4.61 -15.08
CA PHE A 323 7.02 -3.27 -15.41
C PHE A 323 8.19 -2.31 -15.46
N LEU A 324 8.15 -1.41 -16.42
CA LEU A 324 9.20 -0.42 -16.58
C LEU A 324 8.71 0.95 -16.15
N CYS A 325 9.44 1.57 -15.24
CA CYS A 325 9.21 2.94 -14.85
C CYS A 325 10.31 3.80 -15.47
N LYS A 326 9.94 4.56 -16.50
CA LYS A 326 10.86 5.44 -17.21
C LYS A 326 11.20 6.66 -16.35
N GLY A 327 12.38 7.22 -16.57
CA GLY A 327 12.86 8.39 -15.82
C GLY A 327 14.33 8.62 -16.07
N GLU A 328 14.97 9.41 -15.21
CA GLU A 328 16.43 9.65 -15.29
C GLU A 328 17.16 8.34 -15.57
N TYR A 329 16.93 7.35 -14.72
CA TYR A 329 17.38 5.99 -14.95
C TYR A 329 16.16 5.08 -14.86
N PRO A 330 16.06 4.10 -15.78
CA PRO A 330 14.91 3.20 -15.76
C PRO A 330 14.84 2.40 -14.46
N VAL A 331 13.64 2.23 -13.91
CA VAL A 331 13.42 1.33 -12.78
C VAL A 331 12.48 0.22 -13.22
N PHE A 332 12.89 -1.02 -12.96
CA PHE A 332 12.07 -2.18 -13.29
C PHE A 332 11.40 -2.72 -12.03
N THR A 333 10.09 -2.94 -12.10
CA THR A 333 9.39 -3.64 -11.05
C THR A 333 9.15 -5.06 -11.54
N VAL A 335 8.02 -9.05 -10.92
CA VAL A 335 7.10 -9.91 -10.16
C VAL A 335 7.33 -11.35 -10.60
N PHE A 336 7.69 -12.20 -9.65
CA PHE A 336 7.94 -13.62 -9.92
C PHE A 336 7.05 -14.49 -9.04
N TRP A 337 6.52 -15.57 -9.61
CA TRP A 337 5.73 -16.53 -8.82
C TRP A 337 5.87 -17.95 -9.26
N GLY A 338 5.58 -18.86 -8.35
CA GLY A 338 5.67 -20.31 -8.59
C GLY A 338 5.14 -21.08 -7.39
N LYS A 339 5.11 -22.40 -7.49
CA LYS A 339 4.54 -23.24 -6.41
C LYS A 339 5.32 -23.15 -5.10
N ASP A 340 6.63 -22.92 -5.19
CA ASP A 340 7.48 -22.80 -4.01
C ASP A 340 8.67 -21.84 -4.23
N ARG A 341 9.48 -21.67 -3.19
CA ARG A 341 10.65 -20.80 -3.24
C ARG A 341 11.60 -21.15 -4.39
N GLU A 342 11.82 -22.45 -4.60
CA GLU A 342 12.75 -22.92 -5.63
C GLU A 342 12.36 -22.53 -7.06
N GLU A 343 11.11 -22.79 -7.42
CA GLU A 343 10.57 -22.43 -8.73
C GLU A 343 10.54 -20.91 -8.94
N THR A 344 10.15 -20.18 -7.89
CA THR A 344 10.07 -18.72 -7.96
C THR A 344 11.45 -18.11 -8.12
N GLY A 345 12.44 -18.67 -7.43
CA GLY A 345 13.83 -18.27 -7.60
C GLY A 345 14.33 -18.53 -9.01
N ALA A 346 13.89 -19.65 -9.59
CA ALA A 346 14.21 -19.98 -10.98
C ALA A 346 13.61 -18.97 -11.95
N LYS A 347 12.37 -18.54 -11.68
CA LYS A 347 11.70 -17.51 -12.48
C LYS A 347 12.42 -16.16 -12.34
N ARG A 348 12.86 -15.85 -11.12
CA ARG A 348 13.65 -14.64 -10.86
C ARG A 348 14.90 -14.58 -11.73
N CYS A 349 15.62 -15.69 -11.81
CA CYS A 349 16.83 -15.77 -12.62
C CYS A 349 16.57 -15.64 -14.12
N LYS A 350 15.46 -16.23 -14.58
CA LYS A 350 15.02 -16.08 -15.98
C LYS A 350 14.68 -14.62 -16.27
N GLY A 351 13.96 -13.98 -15.36
CA GLY A 351 13.59 -12.57 -15.49
C GLY A 351 14.79 -11.66 -15.55
N LEU A 352 15.75 -11.91 -14.66
CA LEU A 352 17.01 -11.17 -14.63
C LEU A 352 17.83 -11.38 -15.90
N SER A 353 17.82 -12.61 -16.42
CA SER A 353 18.56 -12.94 -17.65
C SER A 353 18.00 -12.21 -18.87
N VAL A 354 16.68 -11.95 -18.87
CA VAL A 354 16.04 -11.14 -19.90
C VAL A 354 16.69 -9.76 -19.94
N LEU A 355 16.80 -9.13 -18.76
CA LEU A 355 17.48 -7.85 -18.61
C LEU A 355 18.97 -7.96 -18.91
#